data_7O3Q
#
_entry.id   7O3Q
#
_cell.length_a   82.521
_cell.length_b   112.285
_cell.length_c   62.599
_cell.angle_alpha   90.000
_cell.angle_beta   90.000
_cell.angle_gamma   90.000
#
_symmetry.space_group_name_H-M   'C 2 2 21'
#
loop_
_entity.id
_entity.type
_entity.pdbx_description
1 polymer '14-3-3 protein sigma'
2 polymer 'Transcription factor p65'
3 non-polymer 'CHLORIDE ION'
4 non-polymer 4-methyl-~{N}-(1-methylpyrazol-3-yl)benzenesulfonamide
5 non-polymer DI(HYDROXYETHYL)ETHER
6 water water
#
loop_
_entity_poly.entity_id
_entity_poly.type
_entity_poly.pdbx_seq_one_letter_code
_entity_poly.pdbx_strand_id
1 'polypeptide(L)'
;GAMGSMERASLIQKAKLAEQAERYEDMAAFMKGAVEKGEELS(CSO)EERNLLSVAYKNVVGGQRAAWRVLSSIEQKSNE
EGSEEKGPEVREYREKVETELQGVCDTVLGLLDSHLIKEAGDAESRVFYLKMKGDYYRYLAEVATGDDKKRIIDSARSAY
QEAMDISKKEMPPTNPIRLGLALNFSVFHYEIANSPEEAISLAKTTFDEAMADLHTLSEDSYKDSTLIMQLLRDNLTLWT
;
A
2 'polypeptide(L)' EGRSAG(SEP)IPGRRS P
#
# COMPACT_ATOMS: atom_id res chain seq x y z
N ALA A 2 -0.40 12.46 -18.14
CA ALA A 2 -0.46 11.21 -18.89
C ALA A 2 -1.85 11.02 -19.47
N MET A 3 -1.95 10.43 -20.68
CA MET A 3 -3.23 10.12 -21.28
C MET A 3 -4.08 11.38 -21.41
N GLY A 4 -3.41 12.49 -21.71
CA GLY A 4 -4.03 13.81 -21.64
C GLY A 4 -5.13 14.07 -22.64
N SER A 5 -5.23 13.25 -23.70
N SER A 5 -5.22 13.24 -23.69
CA SER A 5 -6.30 13.41 -24.69
CA SER A 5 -6.26 13.35 -24.71
C SER A 5 -7.50 12.52 -24.42
C SER A 5 -7.52 12.55 -24.38
N MET A 6 -7.44 11.63 -23.42
CA MET A 6 -8.59 10.81 -23.06
C MET A 6 -9.43 11.45 -21.96
N GLU A 7 -10.76 11.36 -22.10
CA GLU A 7 -11.68 11.86 -21.06
C GLU A 7 -11.45 11.18 -19.71
N ARG A 8 -11.62 11.94 -18.62
CA ARG A 8 -11.51 11.35 -17.28
C ARG A 8 -12.43 10.13 -17.13
N ALA A 9 -13.69 10.25 -17.58
CA ALA A 9 -14.61 9.12 -17.36
C ALA A 9 -14.20 7.91 -18.18
N SER A 10 -13.62 8.12 -19.36
CA SER A 10 -13.14 7.00 -20.17
C SER A 10 -11.95 6.30 -19.51
N LEU A 11 -11.04 7.07 -18.94
CA LEU A 11 -9.91 6.48 -18.22
C LEU A 11 -10.42 5.60 -17.08
N ILE A 12 -11.42 6.08 -16.34
N ILE A 12 -11.43 6.06 -16.36
CA ILE A 12 -11.97 5.30 -15.23
CA ILE A 12 -11.93 5.26 -15.24
C ILE A 12 -12.61 4.04 -15.76
C ILE A 12 -12.64 4.03 -15.74
N GLN A 13 -13.45 4.18 -16.79
CA GLN A 13 -14.10 3.02 -17.40
C GLN A 13 -13.07 2.00 -17.89
N LYS A 14 -11.99 2.47 -18.52
CA LYS A 14 -10.98 1.55 -19.02
C LYS A 14 -10.17 0.94 -17.89
N ALA A 15 -9.95 1.68 -16.79
CA ALA A 15 -9.28 1.07 -15.64
C ALA A 15 -10.07 -0.12 -15.11
N LYS A 16 -11.40 0.00 -15.11
CA LYS A 16 -12.23 -1.11 -14.63
C LYS A 16 -12.16 -2.29 -15.57
N LEU A 17 -12.14 -2.03 -16.88
CA LEU A 17 -11.98 -3.10 -17.86
C LEU A 17 -10.60 -3.78 -17.72
N ALA A 18 -9.56 -2.99 -17.54
CA ALA A 18 -8.23 -3.59 -17.37
C ALA A 18 -8.17 -4.48 -16.14
N GLU A 19 -8.79 -4.06 -15.02
CA GLU A 19 -8.85 -4.94 -13.87
C GLU A 19 -9.53 -6.28 -14.23
N GLN A 20 -10.65 -6.21 -14.94
CA GLN A 20 -11.34 -7.43 -15.38
C GLN A 20 -10.47 -8.31 -16.26
N ALA A 21 -9.61 -7.70 -17.08
CA ALA A 21 -8.72 -8.44 -17.98
C ALA A 21 -7.40 -8.79 -17.33
N GLU A 22 -7.25 -8.49 -16.03
CA GLU A 22 -6.01 -8.66 -15.27
C GLU A 22 -4.83 -7.99 -15.96
N ARG A 23 -5.07 -6.81 -16.51
CA ARG A 23 -4.05 -5.99 -17.18
C ARG A 23 -3.67 -4.85 -16.26
N TYR A 24 -2.89 -5.17 -15.21
CA TYR A 24 -2.70 -4.20 -14.12
C TYR A 24 -1.80 -3.03 -14.51
N GLU A 25 -0.83 -3.25 -15.39
CA GLU A 25 -0.01 -2.13 -15.84
C GLU A 25 -0.86 -1.12 -16.62
N ASP A 26 -1.72 -1.61 -17.52
CA ASP A 26 -2.69 -0.73 -18.17
C ASP A 26 -3.57 -0.02 -17.15
N MET A 27 -4.08 -0.79 -16.19
CA MET A 27 -4.95 -0.21 -15.17
C MET A 27 -4.27 0.94 -14.46
N ALA A 28 -3.00 0.76 -14.09
CA ALA A 28 -2.28 1.80 -13.36
C ALA A 28 -2.09 3.03 -14.23
N ALA A 29 -1.74 2.82 -15.51
CA ALA A 29 -1.55 3.95 -16.41
C ALA A 29 -2.85 4.71 -16.63
N PHE A 30 -3.98 3.99 -16.73
CA PHE A 30 -5.27 4.68 -16.85
C PHE A 30 -5.56 5.50 -15.58
N MET A 31 -5.35 4.91 -14.41
CA MET A 31 -5.62 5.67 -13.17
C MET A 31 -4.64 6.80 -12.96
N LYS A 32 -3.38 6.63 -13.38
CA LYS A 32 -2.46 7.76 -13.33
C LYS A 32 -2.98 8.91 -14.19
N GLY A 33 -3.40 8.59 -15.41
CA GLY A 33 -4.05 9.60 -16.25
C GLY A 33 -5.25 10.26 -15.59
N ALA A 34 -6.12 9.46 -14.93
CA ALA A 34 -7.28 10.02 -14.24
C ALA A 34 -6.86 10.98 -13.11
N VAL A 35 -5.87 10.58 -12.32
CA VAL A 35 -5.39 11.46 -11.26
C VAL A 35 -4.90 12.78 -11.85
N GLU A 36 -4.11 12.71 -12.92
CA GLU A 36 -3.50 13.89 -13.50
C GLU A 36 -4.51 14.82 -14.16
N LYS A 37 -5.77 14.40 -14.29
CA LYS A 37 -6.82 15.35 -14.67
C LYS A 37 -7.02 16.44 -13.62
N GLY A 38 -6.61 16.20 -12.38
CA GLY A 38 -6.53 17.24 -11.35
C GLY A 38 -7.73 17.32 -10.44
N GLU A 39 -8.78 16.56 -10.71
CA GLU A 39 -9.94 16.48 -9.82
C GLU A 39 -9.69 15.47 -8.70
N GLU A 40 -10.34 15.70 -7.56
CA GLU A 40 -10.26 14.73 -6.47
C GLU A 40 -10.85 13.39 -6.93
N LEU A 41 -10.50 12.32 -6.20
CA LEU A 41 -10.99 10.98 -6.52
C LEU A 41 -12.09 10.56 -5.56
N SER A 42 -13.11 9.91 -6.09
CA SER A 42 -14.13 9.30 -5.24
C SER A 42 -13.59 8.07 -4.49
N GLU A 44 -14.53 4.92 -4.74
CA GLU A 44 -14.31 3.83 -5.70
C GLU A 44 -13.06 4.09 -6.57
N GLU A 45 -12.87 5.34 -6.99
CA GLU A 45 -11.71 5.71 -7.79
C GLU A 45 -10.40 5.58 -7.00
N ARG A 46 -10.41 5.94 -5.71
CA ARG A 46 -9.22 5.71 -4.89
C ARG A 46 -8.92 4.22 -4.83
N ASN A 47 -9.95 3.39 -4.69
CA ASN A 47 -9.71 1.95 -4.65
C ASN A 47 -9.12 1.47 -5.97
N LEU A 48 -9.60 2.00 -7.11
CA LEU A 48 -9.03 1.57 -8.39
C LEU A 48 -7.56 1.92 -8.48
N LEU A 49 -7.21 3.12 -8.07
CA LEU A 49 -5.82 3.58 -8.10
C LEU A 49 -4.95 2.64 -7.28
N SER A 50 -5.40 2.35 -6.06
CA SER A 50 -4.64 1.54 -5.13
C SER A 50 -4.52 0.11 -5.63
N VAL A 51 -5.62 -0.49 -6.08
CA VAL A 51 -5.56 -1.87 -6.61
C VAL A 51 -4.58 -1.96 -7.77
N ALA A 52 -4.63 -1.00 -8.68
CA ALA A 52 -3.77 -1.06 -9.85
C ALA A 52 -2.30 -1.10 -9.44
N TYR A 53 -1.87 -0.13 -8.65
CA TYR A 53 -0.45 -0.05 -8.32
C TYR A 53 -0.05 -1.17 -7.35
N LYS A 54 -0.95 -1.60 -6.46
CA LYS A 54 -0.58 -2.68 -5.56
C LYS A 54 -0.26 -3.95 -6.34
N ASN A 55 -1.02 -4.20 -7.40
CA ASN A 55 -0.75 -5.35 -8.26
C ASN A 55 0.57 -5.20 -8.99
N VAL A 56 0.82 -4.02 -9.56
CA VAL A 56 2.04 -3.84 -10.35
C VAL A 56 3.26 -4.01 -9.47
N VAL A 57 3.29 -3.30 -8.35
N VAL A 57 3.31 -3.26 -8.36
CA VAL A 57 4.46 -3.36 -7.49
CA VAL A 57 4.46 -3.36 -7.45
C VAL A 57 4.52 -4.69 -6.79
C VAL A 57 4.52 -4.74 -6.85
N GLY A 58 3.37 -5.36 -6.60
CA GLY A 58 3.39 -6.67 -5.99
C GLY A 58 4.12 -7.69 -6.85
N GLY A 59 3.86 -7.67 -8.17
CA GLY A 59 4.64 -8.52 -9.07
C GLY A 59 6.13 -8.17 -9.11
N GLN A 60 6.46 -6.87 -9.04
CA GLN A 60 7.87 -6.49 -9.00
C GLN A 60 8.53 -6.94 -7.71
N ARG A 61 7.84 -6.79 -6.58
CA ARG A 61 8.42 -7.23 -5.31
C ARG A 61 8.66 -8.74 -5.31
N ALA A 62 7.71 -9.50 -5.84
CA ALA A 62 7.87 -10.94 -5.87
C ALA A 62 9.05 -11.32 -6.75
N ALA A 63 9.20 -10.66 -7.91
CA ALA A 63 10.37 -10.92 -8.75
C ALA A 63 11.68 -10.53 -8.07
N TRP A 64 11.73 -9.32 -7.49
CA TRP A 64 12.94 -8.90 -6.78
C TRP A 64 13.32 -9.91 -5.69
N ARG A 65 12.35 -10.47 -4.98
CA ARG A 65 12.69 -11.41 -3.91
C ARG A 65 13.28 -12.70 -4.49
N VAL A 66 12.71 -13.20 -5.59
CA VAL A 66 13.30 -14.36 -6.25
C VAL A 66 14.74 -14.09 -6.61
N LEU A 67 15.00 -12.95 -7.25
CA LEU A 67 16.34 -12.64 -7.74
C LEU A 67 17.31 -12.36 -6.59
N SER A 68 16.84 -11.65 -5.55
N SER A 68 16.84 -11.65 -5.56
CA SER A 68 17.69 -11.39 -4.40
CA SER A 68 17.69 -11.39 -4.40
C SER A 68 18.12 -12.68 -3.73
C SER A 68 18.13 -12.69 -3.74
N SER A 69 17.21 -13.66 -3.65
CA SER A 69 17.55 -14.95 -3.07
C SER A 69 18.60 -15.65 -3.91
N ILE A 70 18.42 -15.65 -5.23
CA ILE A 70 19.45 -16.25 -6.09
C ILE A 70 20.78 -15.55 -5.91
N GLU A 71 20.76 -14.21 -5.80
CA GLU A 71 21.99 -13.46 -5.69
C GLU A 71 22.71 -13.77 -4.37
N GLN A 72 21.95 -13.86 -3.27
CA GLN A 72 22.56 -14.19 -1.98
C GLN A 72 23.17 -15.60 -1.99
N LYS A 73 22.52 -16.55 -2.67
CA LYS A 73 23.12 -17.88 -2.78
C LYS A 73 24.45 -17.83 -3.52
N SER A 74 24.52 -17.07 -4.61
CA SER A 74 25.76 -16.99 -5.39
C SER A 74 26.90 -16.36 -4.61
N ASN A 75 26.61 -15.63 -3.53
CA ASN A 75 27.62 -14.95 -2.73
C ASN A 75 27.97 -15.72 -1.46
N GLU A 76 27.80 -17.04 -1.46
CA GLU A 76 28.16 -17.87 -0.32
C GLU A 76 29.52 -18.53 -0.52
N GLY A 83 29.29 -14.65 -12.67
CA GLY A 83 29.44 -13.36 -13.33
C GLY A 83 28.49 -12.31 -12.79
N PRO A 84 28.40 -11.16 -13.46
CA PRO A 84 27.58 -10.06 -12.94
C PRO A 84 26.09 -10.16 -13.28
N GLU A 85 25.64 -11.22 -13.95
CA GLU A 85 24.31 -11.19 -14.52
C GLU A 85 23.21 -11.16 -13.45
N VAL A 86 23.32 -11.99 -12.40
CA VAL A 86 22.25 -12.02 -11.41
C VAL A 86 22.12 -10.65 -10.73
N ARG A 87 23.25 -10.08 -10.31
CA ARG A 87 23.22 -8.74 -9.73
C ARG A 87 22.67 -7.72 -10.71
N GLU A 88 23.11 -7.76 -11.97
CA GLU A 88 22.64 -6.79 -12.94
C GLU A 88 21.13 -6.87 -13.11
N TYR A 89 20.59 -8.09 -13.21
CA TYR A 89 19.18 -8.23 -13.48
C TYR A 89 18.34 -7.91 -12.23
N ARG A 90 18.84 -8.27 -11.03
CA ARG A 90 18.17 -7.80 -9.81
C ARG A 90 18.13 -6.28 -9.75
N GLU A 91 19.24 -5.62 -10.13
CA GLU A 91 19.28 -4.16 -10.17
C GLU A 91 18.27 -3.60 -11.16
N LYS A 92 18.11 -4.23 -12.32
CA LYS A 92 17.15 -3.75 -13.30
C LYS A 92 15.74 -3.80 -12.74
N VAL A 93 15.36 -4.94 -12.16
CA VAL A 93 14.03 -5.07 -11.57
C VAL A 93 13.88 -4.09 -10.41
N GLU A 94 14.90 -3.98 -9.56
CA GLU A 94 14.87 -3.07 -8.44
C GLU A 94 14.67 -1.62 -8.90
N THR A 95 15.36 -1.22 -9.96
CA THR A 95 15.21 0.14 -10.46
C THR A 95 13.80 0.39 -10.98
N GLU A 96 13.21 -0.61 -11.64
N GLU A 96 13.22 -0.61 -11.65
CA GLU A 96 11.87 -0.43 -12.16
CA GLU A 96 11.86 -0.48 -12.17
C GLU A 96 10.85 -0.38 -11.03
C GLU A 96 10.86 -0.39 -11.03
N LEU A 97 11.06 -1.19 -9.99
CA LEU A 97 10.21 -1.13 -8.80
C LEU A 97 10.28 0.23 -8.14
N GLN A 98 11.51 0.75 -7.95
CA GLN A 98 11.66 2.08 -7.37
C GLN A 98 10.98 3.14 -8.22
N GLY A 99 11.01 2.99 -9.53
CA GLY A 99 10.36 3.98 -10.37
C GLY A 99 8.85 3.95 -10.20
N VAL A 100 8.26 2.76 -10.03
CA VAL A 100 6.82 2.69 -9.79
C VAL A 100 6.49 3.32 -8.43
N CYS A 101 7.28 3.03 -7.39
CA CYS A 101 7.02 3.66 -6.10
C CYS A 101 7.13 5.17 -6.21
N ASP A 102 8.17 5.67 -6.88
CA ASP A 102 8.31 7.13 -7.03
C ASP A 102 7.14 7.72 -7.78
N THR A 103 6.64 7.00 -8.78
CA THR A 103 5.48 7.50 -9.54
C THR A 103 4.26 7.64 -8.63
N VAL A 104 3.98 6.62 -7.80
CA VAL A 104 2.83 6.69 -6.89
C VAL A 104 3.04 7.81 -5.88
N LEU A 105 4.24 7.89 -5.30
CA LEU A 105 4.50 8.94 -4.32
C LEU A 105 4.36 10.31 -4.94
N GLY A 106 4.74 10.43 -6.21
CA GLY A 106 4.58 11.70 -6.89
C GLY A 106 3.13 12.06 -7.11
N LEU A 107 2.27 11.07 -7.38
CA LEU A 107 0.84 11.35 -7.50
C LEU A 107 0.27 11.80 -6.16
N LEU A 108 0.68 11.15 -5.08
CA LEU A 108 0.17 11.54 -3.76
C LEU A 108 0.61 12.96 -3.41
N ASP A 109 1.83 13.32 -3.78
CA ASP A 109 2.40 14.61 -3.42
C ASP A 109 1.94 15.71 -4.37
N SER A 110 1.47 15.35 -5.57
CA SER A 110 1.05 16.31 -6.61
C SER A 110 -0.23 15.80 -7.29
N HIS A 111 -1.39 16.00 -6.68
CA HIS A 111 -1.62 16.80 -5.49
C HIS A 111 -2.71 16.12 -4.64
N LEU A 112 -2.72 14.79 -4.63
CA LEU A 112 -3.82 14.06 -3.99
C LEU A 112 -3.92 14.39 -2.50
N ILE A 113 -2.81 14.34 -1.78
CA ILE A 113 -2.87 14.47 -0.33
C ILE A 113 -3.28 15.89 0.07
N LYS A 114 -2.67 16.90 -0.55
CA LYS A 114 -2.96 18.24 -0.08
C LYS A 114 -4.42 18.63 -0.35
N GLU A 115 -5.06 18.01 -1.35
CA GLU A 115 -6.47 18.31 -1.58
C GLU A 115 -7.42 17.40 -0.81
N ALA A 116 -6.91 16.44 -0.03
CA ALA A 116 -7.77 15.48 0.66
C ALA A 116 -8.12 16.04 2.03
N GLY A 117 -9.35 16.52 2.18
CA GLY A 117 -9.81 17.07 3.45
C GLY A 117 -10.55 16.11 4.34
N ASP A 118 -11.37 15.24 3.75
CA ASP A 118 -12.12 14.30 4.55
C ASP A 118 -11.19 13.24 5.12
N ALA A 119 -11.54 12.76 6.31
CA ALA A 119 -10.76 11.69 6.95
C ALA A 119 -10.61 10.47 6.06
N GLU A 120 -11.69 10.03 5.41
CA GLU A 120 -11.61 8.81 4.59
C GLU A 120 -10.59 8.96 3.48
N SER A 121 -10.58 10.12 2.81
CA SER A 121 -9.61 10.25 1.72
C SER A 121 -8.20 10.52 2.25
N ARG A 122 -8.07 11.38 3.27
CA ARG A 122 -6.72 11.73 3.73
C ARG A 122 -6.00 10.51 4.34
N VAL A 123 -6.70 9.72 5.16
CA VAL A 123 -6.10 8.52 5.73
C VAL A 123 -5.78 7.52 4.63
N PHE A 124 -6.67 7.37 3.64
CA PHE A 124 -6.39 6.42 2.55
C PHE A 124 -5.08 6.77 1.86
N TYR A 125 -4.90 8.05 1.50
CA TYR A 125 -3.71 8.46 0.76
C TYR A 125 -2.46 8.35 1.63
N LEU A 126 -2.58 8.67 2.93
CA LEU A 126 -1.39 8.62 3.79
C LEU A 126 -0.98 7.16 4.03
N LYS A 127 -1.96 6.26 4.15
CA LYS A 127 -1.64 4.83 4.18
C LYS A 127 -0.91 4.40 2.91
N MET A 128 -1.37 4.88 1.75
CA MET A 128 -0.68 4.59 0.50
C MET A 128 0.75 5.11 0.56
N LYS A 129 0.92 6.33 1.08
CA LYS A 129 2.25 6.93 1.18
C LYS A 129 3.16 6.07 2.05
N GLY A 130 2.66 5.62 3.20
CA GLY A 130 3.46 4.73 4.03
C GLY A 130 3.80 3.43 3.33
N ASP A 131 2.84 2.86 2.62
CA ASP A 131 3.06 1.59 1.92
C ASP A 131 4.18 1.72 0.88
N TYR A 132 4.14 2.77 0.04
CA TYR A 132 5.14 2.83 -1.04
C TYR A 132 6.52 3.22 -0.52
N TYR A 133 6.62 4.00 0.56
CA TYR A 133 7.92 4.14 1.21
C TYR A 133 8.36 2.82 1.85
N ARG A 134 7.42 2.04 2.38
CA ARG A 134 7.80 0.72 2.90
C ARG A 134 8.37 -0.16 1.78
N TYR A 135 7.76 -0.13 0.61
CA TYR A 135 8.31 -0.92 -0.51
C TYR A 135 9.70 -0.43 -0.90
N LEU A 136 9.90 0.88 -0.94
CA LEU A 136 11.25 1.40 -1.14
C LEU A 136 12.20 0.90 -0.04
N ALA A 137 11.74 0.87 1.22
CA ALA A 137 12.63 0.43 2.30
C ALA A 137 13.02 -1.03 2.14
N GLU A 138 12.12 -1.86 1.59
CA GLU A 138 12.42 -3.28 1.44
C GLU A 138 13.66 -3.52 0.58
N VAL A 139 13.93 -2.62 -0.36
CA VAL A 139 15.07 -2.78 -1.26
C VAL A 139 16.20 -1.82 -0.95
N ALA A 140 16.04 -0.94 0.03
CA ALA A 140 17.03 0.08 0.31
C ALA A 140 18.20 -0.54 1.05
N THR A 141 19.42 -0.09 0.75
CA THR A 141 20.62 -0.60 1.42
C THR A 141 21.66 0.47 1.66
N GLY A 142 21.43 1.71 1.20
CA GLY A 142 22.46 2.73 1.21
C GLY A 142 22.29 3.79 2.27
N ASP A 143 22.76 4.99 1.97
CA ASP A 143 22.77 6.08 2.95
C ASP A 143 21.37 6.59 3.29
N ASP A 144 20.37 6.23 2.49
CA ASP A 144 19.02 6.75 2.69
C ASP A 144 18.05 5.69 3.18
N LYS A 145 18.50 4.46 3.48
CA LYS A 145 17.61 3.50 4.11
C LYS A 145 16.91 4.06 5.34
N LYS A 146 17.65 4.73 6.21
CA LYS A 146 17.04 5.24 7.43
C LYS A 146 16.03 6.33 7.12
N ARG A 147 16.38 7.22 6.19
CA ARG A 147 15.45 8.31 5.87
C ARG A 147 14.20 7.75 5.20
N ILE A 148 14.35 6.70 4.40
CA ILE A 148 13.17 6.10 3.76
C ILE A 148 12.26 5.48 4.80
N ILE A 149 12.84 4.72 5.74
CA ILE A 149 12.07 4.14 6.84
C ILE A 149 11.36 5.22 7.64
N ASP A 150 12.03 6.34 7.90
CA ASP A 150 11.38 7.39 8.65
C ASP A 150 10.25 8.04 7.86
N SER A 151 10.39 8.12 6.53
CA SER A 151 9.31 8.65 5.73
C SER A 151 8.10 7.73 5.78
N ALA A 152 8.33 6.41 5.71
CA ALA A 152 7.21 5.48 5.89
C ALA A 152 6.56 5.67 7.26
N ARG A 153 7.36 5.63 8.33
N ARG A 153 7.37 5.64 8.32
CA ARG A 153 6.83 5.75 9.68
CA ARG A 153 6.83 5.76 9.67
C ARG A 153 6.01 7.03 9.83
C ARG A 153 6.00 7.03 9.83
N SER A 154 6.52 8.14 9.31
CA SER A 154 5.84 9.42 9.46
C SER A 154 4.49 9.42 8.77
N ALA A 155 4.43 8.85 7.56
CA ALA A 155 3.15 8.79 6.85
C ALA A 155 2.15 7.92 7.57
N TYR A 156 2.57 6.73 8.01
CA TYR A 156 1.68 5.85 8.73
C TYR A 156 1.21 6.49 10.03
N GLN A 157 2.12 7.16 10.72
CA GLN A 157 1.77 7.77 12.01
C GLN A 157 0.73 8.87 11.84
N GLU A 158 0.89 9.73 10.82
CA GLU A 158 -0.10 10.79 10.61
C GLU A 158 -1.47 10.18 10.28
N ALA A 159 -1.48 9.11 9.47
CA ALA A 159 -2.72 8.42 9.14
C ALA A 159 -3.35 7.79 10.38
N MET A 160 -2.54 7.16 11.23
CA MET A 160 -3.03 6.61 12.50
C MET A 160 -3.68 7.68 13.35
N ASP A 161 -2.99 8.83 13.50
CA ASP A 161 -3.51 9.88 14.36
C ASP A 161 -4.88 10.33 13.87
N ILE A 162 -5.02 10.55 12.56
CA ILE A 162 -6.31 10.98 12.03
C ILE A 162 -7.35 9.89 12.19
N SER A 163 -7.00 8.63 11.88
CA SER A 163 -7.99 7.55 11.93
C SER A 163 -8.48 7.32 13.35
N LYS A 164 -7.61 7.45 14.34
CA LYS A 164 -8.06 7.31 15.73
C LYS A 164 -9.03 8.40 16.12
N LYS A 165 -8.80 9.62 15.65
CA LYS A 165 -9.68 10.73 16.00
C LYS A 165 -10.97 10.72 15.21
N GLU A 166 -10.95 10.25 13.96
CA GLU A 166 -12.04 10.52 13.04
C GLU A 166 -12.78 9.29 12.55
N MET A 167 -12.35 8.08 12.86
CA MET A 167 -13.02 6.93 12.28
C MET A 167 -13.32 5.94 13.39
N PRO A 168 -14.37 5.13 13.24
CA PRO A 168 -14.65 4.09 14.24
C PRO A 168 -13.60 2.99 14.20
N PRO A 169 -13.42 2.24 15.30
CA PRO A 169 -12.36 1.23 15.33
C PRO A 169 -12.57 0.11 14.37
N THR A 170 -13.77 -0.06 13.79
CA THR A 170 -14.00 -1.10 12.80
C THR A 170 -13.86 -0.63 11.37
N ASN A 171 -13.58 0.64 11.15
CA ASN A 171 -13.52 1.14 9.77
C ASN A 171 -12.47 0.37 8.98
N PRO A 172 -12.83 -0.24 7.84
CA PRO A 172 -11.85 -1.08 7.11
C PRO A 172 -10.56 -0.37 6.73
N ILE A 173 -10.62 0.91 6.40
CA ILE A 173 -9.38 1.63 6.12
C ILE A 173 -8.55 1.77 7.38
N ARG A 174 -9.18 2.11 8.50
CA ARG A 174 -8.46 2.20 9.78
C ARG A 174 -7.81 0.86 10.12
N LEU A 175 -8.53 -0.24 9.90
CA LEU A 175 -7.98 -1.57 10.19
C LEU A 175 -6.86 -1.95 9.23
N GLY A 176 -7.03 -1.71 7.93
CA GLY A 176 -5.96 -2.04 6.99
C GLY A 176 -4.73 -1.19 7.25
N LEU A 177 -4.95 0.07 7.61
CA LEU A 177 -3.81 0.92 7.98
C LEU A 177 -3.06 0.33 9.16
N ALA A 178 -3.77 -0.08 10.21
CA ALA A 178 -3.09 -0.60 11.38
C ALA A 178 -2.40 -1.93 11.06
N LEU A 179 -3.05 -2.77 10.26
CA LEU A 179 -2.41 -4.01 9.80
C LEU A 179 -1.08 -3.72 9.12
N ASN A 180 -1.08 -2.82 8.13
CA ASN A 180 0.15 -2.55 7.37
C ASN A 180 1.19 -1.84 8.23
N PHE A 181 0.78 -0.96 9.13
CA PHE A 181 1.75 -0.32 10.02
C PHE A 181 2.37 -1.37 10.94
N SER A 182 1.58 -2.37 11.35
CA SER A 182 2.15 -3.44 12.18
C SER A 182 3.16 -4.26 11.38
N VAL A 183 2.88 -4.49 10.08
CA VAL A 183 3.85 -5.18 9.23
C VAL A 183 5.10 -4.32 9.07
N PHE A 184 4.92 -3.01 8.92
CA PHE A 184 6.07 -2.12 8.91
C PHE A 184 6.92 -2.31 10.17
N HIS A 185 6.28 -2.29 11.35
CA HIS A 185 7.06 -2.45 12.59
C HIS A 185 7.82 -3.76 12.61
N TYR A 186 7.15 -4.84 12.17
CA TYR A 186 7.75 -6.17 12.28
C TYR A 186 8.85 -6.38 11.25
N GLU A 187 8.58 -6.01 10.01
CA GLU A 187 9.42 -6.37 8.86
C GLU A 187 10.50 -5.33 8.57
N ILE A 188 10.24 -4.06 8.83
CA ILE A 188 11.11 -2.98 8.40
C ILE A 188 11.82 -2.34 9.57
N ALA A 189 11.08 -1.98 10.62
CA ALA A 189 11.63 -1.22 11.73
C ALA A 189 12.25 -2.09 12.82
N ASN A 190 12.30 -3.40 12.65
CA ASN A 190 12.85 -4.30 13.68
C ASN A 190 12.23 -4.04 15.05
N SER A 191 10.90 -3.89 15.07
CA SER A 191 10.17 -3.64 16.31
C SER A 191 9.04 -4.66 16.41
N PRO A 192 9.36 -5.93 16.58
CA PRO A 192 8.29 -6.94 16.64
C PRO A 192 7.33 -6.71 17.80
N GLU A 193 7.80 -6.18 18.93
CA GLU A 193 6.89 -6.01 20.06
C GLU A 193 5.86 -4.93 19.77
N GLU A 194 6.31 -3.84 19.11
CA GLU A 194 5.38 -2.79 18.69
C GLU A 194 4.38 -3.35 17.68
N ALA A 195 4.85 -4.17 16.75
CA ALA A 195 3.95 -4.79 15.77
C ALA A 195 2.88 -5.62 16.45
N ILE A 196 3.28 -6.46 17.40
CA ILE A 196 2.34 -7.32 18.12
C ILE A 196 1.37 -6.48 18.95
N SER A 197 1.87 -5.48 19.66
CA SER A 197 0.99 -4.63 20.46
C SER A 197 -0.02 -3.90 19.61
N LEU A 198 0.43 -3.37 18.47
CA LEU A 198 -0.52 -2.66 17.62
C LEU A 198 -1.60 -3.59 17.08
N ALA A 199 -1.20 -4.77 16.61
CA ALA A 199 -2.19 -5.70 16.04
C ALA A 199 -3.19 -6.15 17.10
N LYS A 200 -2.71 -6.44 18.31
CA LYS A 200 -3.59 -6.90 19.40
C LYS A 200 -4.58 -5.81 19.79
N THR A 201 -4.09 -4.60 20.08
CA THR A 201 -4.97 -3.48 20.45
C THR A 201 -5.96 -3.16 19.35
N THR A 202 -5.51 -3.19 18.10
CA THR A 202 -6.42 -2.96 16.97
C THR A 202 -7.50 -4.02 16.91
N PHE A 203 -7.13 -5.28 17.06
CA PHE A 203 -8.13 -6.35 16.97
C PHE A 203 -9.15 -6.25 18.10
N ASP A 204 -8.67 -6.01 19.33
CA ASP A 204 -9.54 -5.96 20.50
C ASP A 204 -10.50 -4.78 20.43
N GLU A 205 -10.03 -3.61 20.00
CA GLU A 205 -10.93 -2.47 19.89
C GLU A 205 -11.94 -2.63 18.77
N ALA A 206 -11.58 -3.30 17.67
CA ALA A 206 -12.58 -3.59 16.65
C ALA A 206 -13.61 -4.58 17.17
N MET A 207 -13.15 -5.68 17.77
CA MET A 207 -14.07 -6.66 18.36
C MET A 207 -15.16 -6.00 19.19
N ALA A 208 -14.76 -5.05 20.04
CA ALA A 208 -15.68 -4.39 20.96
C ALA A 208 -16.66 -3.46 20.26
N ASP A 209 -16.42 -3.11 19.00
CA ASP A 209 -17.26 -2.20 18.23
C ASP A 209 -18.10 -2.94 17.20
N LEU A 210 -17.92 -4.26 17.07
CA LEU A 210 -18.62 -5.00 16.03
C LEU A 210 -20.14 -4.96 16.24
N HIS A 211 -20.59 -4.85 17.48
CA HIS A 211 -22.02 -4.86 17.76
C HIS A 211 -22.77 -3.72 17.07
N THR A 212 -22.06 -2.66 16.64
CA THR A 212 -22.68 -1.49 16.04
C THR A 212 -22.97 -1.66 14.56
N LEU A 213 -22.46 -2.71 13.93
CA LEU A 213 -22.41 -2.83 12.49
C LEU A 213 -23.58 -3.62 11.93
N SER A 214 -23.96 -3.29 10.71
CA SER A 214 -24.81 -4.12 9.89
C SER A 214 -24.08 -5.40 9.47
N GLU A 215 -24.88 -6.35 8.97
CA GLU A 215 -24.33 -7.60 8.46
C GLU A 215 -23.21 -7.39 7.43
N ASP A 216 -23.41 -6.48 6.49
CA ASP A 216 -22.39 -6.27 5.45
C ASP A 216 -21.13 -5.60 6.00
N SER A 217 -21.28 -4.59 6.86
CA SER A 217 -20.12 -3.96 7.47
C SER A 217 -19.38 -4.92 8.40
N TYR A 218 -20.14 -5.73 9.14
CA TYR A 218 -19.52 -6.77 9.96
C TYR A 218 -18.64 -7.70 9.12
N LYS A 219 -19.11 -8.12 7.94
CA LYS A 219 -18.27 -8.96 7.09
C LYS A 219 -17.01 -8.23 6.65
N ASP A 220 -17.14 -6.95 6.29
CA ASP A 220 -15.97 -6.17 5.86
C ASP A 220 -14.93 -6.08 6.97
N SER A 221 -15.37 -5.78 8.20
CA SER A 221 -14.42 -5.59 9.30
C SER A 221 -13.83 -6.92 9.78
N THR A 222 -14.64 -7.96 9.89
CA THR A 222 -14.09 -9.21 10.43
C THR A 222 -13.09 -9.82 9.47
N LEU A 223 -13.25 -9.58 8.16
CA LEU A 223 -12.28 -10.09 7.21
C LEU A 223 -10.89 -9.50 7.49
N ILE A 224 -10.81 -8.20 7.76
CA ILE A 224 -9.49 -7.63 8.02
C ILE A 224 -9.02 -7.98 9.42
N MET A 225 -9.92 -8.07 10.39
CA MET A 225 -9.54 -8.59 11.70
C MET A 225 -8.88 -9.96 11.60
N GLN A 226 -9.36 -10.82 10.68
CA GLN A 226 -8.75 -12.13 10.55
C GLN A 226 -7.29 -12.02 10.09
N LEU A 227 -6.98 -11.07 9.23
CA LEU A 227 -5.60 -10.85 8.82
C LEU A 227 -4.73 -10.41 9.98
N LEU A 228 -5.25 -9.54 10.86
CA LEU A 228 -4.52 -9.20 12.07
C LEU A 228 -4.28 -10.44 12.93
N ARG A 229 -5.31 -11.27 13.09
CA ARG A 229 -5.11 -12.49 13.87
C ARG A 229 -4.11 -13.43 13.21
N ASP A 230 -4.16 -13.55 11.89
CA ASP A 230 -3.20 -14.44 11.22
C ASP A 230 -1.77 -14.01 11.50
N ASN A 231 -1.51 -12.71 11.47
CA ASN A 231 -0.17 -12.21 11.78
C ASN A 231 0.20 -12.49 13.22
N LEU A 232 -0.70 -12.22 14.16
CA LEU A 232 -0.40 -12.51 15.56
C LEU A 232 -0.07 -13.98 15.77
N THR A 233 -0.78 -14.86 15.07
CA THR A 233 -0.50 -16.29 15.16
C THR A 233 0.92 -16.60 14.68
N LEU A 234 1.35 -15.93 13.64
CA LEU A 234 2.68 -16.15 13.13
C LEU A 234 3.74 -15.51 14.02
N TRP A 235 3.38 -14.43 14.71
CA TRP A 235 4.37 -13.65 15.45
C TRP A 235 4.49 -14.10 16.90
N THR A 236 3.54 -14.87 17.41
CA THR A 236 3.61 -15.24 18.81
C THR A 236 3.58 -16.75 18.99
N ALA B 5 4.33 -12.75 7.32
CA ALA B 5 3.43 -11.68 7.74
C ALA B 5 2.75 -11.03 6.55
N GLY B 6 1.42 -11.00 6.55
CA GLY B 6 0.70 -10.44 5.44
C GLY B 6 0.22 -9.02 5.64
N ILE B 8 -2.30 -6.00 3.84
CA ILE B 8 -3.59 -6.23 3.22
C ILE B 8 -3.35 -6.54 1.74
N PRO B 9 -3.93 -7.64 1.24
CA PRO B 9 -3.67 -8.03 -0.16
C PRO B 9 -3.99 -6.90 -1.11
N GLY B 10 -5.21 -6.35 -1.01
CA GLY B 10 -5.55 -5.12 -1.70
C GLY B 10 -5.35 -5.20 -3.19
N ARG B 11 -5.46 -6.40 -3.75
CA ARG B 11 -5.19 -6.58 -5.17
C ARG B 11 -6.46 -6.85 -5.98
N ARG B 12 -7.63 -6.79 -5.35
CA ARG B 12 -8.90 -7.00 -6.05
C ARG B 12 -9.89 -5.93 -5.60
N SER B 13 -10.43 -5.16 -6.56
CA SER B 13 -11.53 -4.22 -6.36
C SER B 13 -11.91 -3.51 -7.65
#